data_6KI3
#
_entry.id   6KI3
#
_cell.length_a   50.637
_cell.length_b   84.698
_cell.length_c   98.585
_cell.angle_alpha   90.000
_cell.angle_beta   93.660
_cell.angle_gamma   90.000
#
_symmetry.space_group_name_H-M   'P 1 21 1'
#
loop_
_entity.id
_entity.type
_entity.pdbx_description
1 polymer 'Probable AP endonuclease'
2 polymer "DNA (5'-D(*GP*CP*AP*GP*CP*GP*TP*CP*C)-3')"
3 polymer "DNA (5'-D(P*(3DR)P*CP*GP*AP*CP*GP*AP*G)-3')"
4 polymer "DNA (5'-D(*CP*CP*TP*CP*GP*TP*CP*GP*GP*GP*GP*AP*CP*GP*CP*TP*G)-3')"
5 non-polymer 'ZINC ION'
6 water water
#
loop_
_entity_poly.entity_id
_entity_poly.type
_entity_poly.pdbx_seq_one_letter_code
_entity_poly.pdbx_strand_id
1 'polypeptide(L)'
;GSGGGMFGAFVSHRLWSDSGCTTTCITNSIANYVAFGEQIGFPFKSAQVFIAGPRKAVINIQEDDKVELLKMIVKHNLWV
VAHGTYLDVPWSRRSAFVTHFIQQELLICKEVGIKGLVLHLGAVEPELIVEGLKKIKPVEGVVIYLETPHNKHHTYKYST
MEQIKELFLRIRNTRLKQIGLCIDTAHIWSSGVNISSYNDAGQWLRSLENIHSVIPPSHIMFHLNDAATECGSGIDRHAS
LFEGMIWKSYSHKIKQSGLYCFVEYITRHQCPAILERNLGSSMQLQTALTAEFTTLKSLLK
;
A,B
2 'polydeoxyribonucleotide' (DG)(DC)(DA)(DG)(DC)(DG)(DT)(DC)(DC) C,F
3 'polydeoxyribonucleotide' (3DR)(DC)(DG)(DA)(DC)(DG)(DA)(DG) D,G
4 'polydeoxyribonucleotide' (DC)(DC)(DT)(DC)(DG)(DT)(DC)(DG)(DG)(DG)(DG)(DA)(DC)(DG)(DC)(DT)(DG) E,H
#
# COMPACT_ATOMS: atom_id res chain seq x y z
N GLY A 4 6.92 28.25 5.36
CA GLY A 4 6.73 26.88 4.90
C GLY A 4 7.97 26.02 5.06
N GLY A 5 7.98 24.88 4.35
CA GLY A 5 9.09 23.96 4.43
C GLY A 5 10.23 24.31 3.48
N MET A 6 11.41 23.79 3.80
CA MET A 6 12.61 24.02 2.99
C MET A 6 12.87 22.74 2.20
N PHE A 7 12.43 22.72 0.95
CA PHE A 7 12.49 21.54 0.11
C PHE A 7 13.69 21.61 -0.84
N GLY A 8 14.34 20.47 -1.02
CA GLY A 8 15.47 20.42 -1.92
C GLY A 8 15.83 18.98 -2.23
N ALA A 9 17.04 18.79 -2.75
CA ALA A 9 17.49 17.47 -3.13
C ALA A 9 19.00 17.35 -2.92
N PHE A 10 19.49 16.12 -2.93
CA PHE A 10 20.92 15.88 -2.90
C PHE A 10 21.54 16.28 -4.24
N VAL A 11 22.66 17.00 -4.18
CA VAL A 11 23.31 17.51 -5.37
C VAL A 11 24.61 16.73 -5.55
N SER A 12 24.66 15.87 -6.56
CA SER A 12 25.86 15.11 -6.84
C SER A 12 26.81 15.93 -7.71
N HIS A 13 27.97 15.69 -7.51
CA HIS A 13 29.01 16.35 -8.27
C HIS A 13 28.99 15.91 -9.69
N ARG A 14 28.88 14.62 -9.95
CA ARG A 14 28.89 14.12 -11.32
C ARG A 14 27.73 14.54 -12.25
N LEU A 15 26.54 14.63 -11.70
CA LEU A 15 25.33 14.91 -12.46
C LEU A 15 24.96 16.39 -12.49
N TRP A 16 25.74 17.26 -11.86
CA TRP A 16 25.38 18.66 -11.78
C TRP A 16 26.53 19.60 -12.15
N SER A 17 27.76 19.19 -11.85
CA SER A 17 28.90 20.06 -12.12
C SER A 17 29.19 20.12 -13.62
N ASP A 18 29.53 21.32 -14.09
CA ASP A 18 30.00 21.47 -15.46
C ASP A 18 31.38 20.85 -15.62
N SER A 19 31.70 20.46 -16.85
CA SER A 19 33.05 20.03 -17.15
C SER A 19 34.02 21.20 -17.00
N GLY A 20 35.18 20.93 -16.41
CA GLY A 20 36.13 21.99 -16.15
C GLY A 20 35.70 22.92 -15.03
N CYS A 21 35.04 22.39 -14.00
CA CYS A 21 34.71 23.19 -12.83
C CYS A 21 35.92 23.47 -11.95
N THR A 22 37.04 22.77 -12.19
CA THR A 22 38.32 23.02 -11.54
C THR A 22 38.22 23.09 -10.03
N THR A 23 38.26 24.30 -9.48
CA THR A 23 38.45 24.51 -8.06
C THR A 23 37.16 24.84 -7.31
N THR A 24 36.04 25.02 -8.01
CA THR A 24 34.78 25.42 -7.39
C THR A 24 33.64 24.52 -7.86
N CYS A 25 33.85 23.20 -7.77
CA CYS A 25 32.92 22.26 -8.37
C CYS A 25 31.63 22.12 -7.57
N ILE A 26 31.70 22.17 -6.24
CA ILE A 26 30.49 22.03 -5.43
C ILE A 26 29.58 23.23 -5.62
N THR A 27 30.13 24.44 -5.52
CA THR A 27 29.34 25.65 -5.72
C THR A 27 28.80 25.72 -7.15
N ASN A 28 29.61 25.31 -8.13
CA ASN A 28 29.14 25.27 -9.51
C ASN A 28 27.97 24.31 -9.68
N SER A 29 28.04 23.15 -9.02
CA SER A 29 26.94 22.19 -9.10
C SER A 29 25.68 22.75 -8.46
N ILE A 30 25.83 23.41 -7.31
CA ILE A 30 24.67 24.02 -6.65
C ILE A 30 24.09 25.14 -7.51
N ALA A 31 24.95 25.88 -8.21
CA ALA A 31 24.47 26.93 -9.11
C ALA A 31 23.59 26.34 -10.21
N ASN A 32 24.03 25.25 -10.83
CA ASN A 32 23.21 24.59 -11.84
C ASN A 32 21.96 23.98 -11.21
N TYR A 33 22.08 23.47 -9.99
CA TYR A 33 20.93 22.90 -9.29
C TYR A 33 19.91 23.96 -8.92
N VAL A 34 20.35 25.19 -8.64
CA VAL A 34 19.42 26.28 -8.37
C VAL A 34 18.78 26.74 -9.67
N ALA A 35 19.54 26.76 -10.77
CA ALA A 35 18.97 27.10 -12.07
C ALA A 35 17.89 26.10 -12.47
N PHE A 36 18.14 24.80 -12.25
CA PHE A 36 17.14 23.79 -12.53
C PHE A 36 15.87 24.02 -11.72
N GLY A 37 16.00 24.57 -10.51
CA GLY A 37 14.82 24.82 -9.71
C GLY A 37 13.96 25.95 -10.26
N GLU A 38 14.59 26.99 -10.79
CA GLU A 38 13.84 28.10 -11.36
C GLU A 38 13.15 27.70 -12.66
N GLN A 39 13.77 26.81 -13.44
CA GLN A 39 13.18 26.39 -14.70
C GLN A 39 11.83 25.71 -14.49
N ILE A 40 11.76 24.82 -13.51
CA ILE A 40 10.58 23.99 -13.33
C ILE A 40 9.64 24.62 -12.30
N GLY A 41 9.94 25.85 -11.89
CA GLY A 41 9.04 26.60 -11.06
C GLY A 41 8.95 26.17 -9.62
N PHE A 42 9.98 25.51 -9.09
CA PHE A 42 10.05 25.12 -7.69
C PHE A 42 11.33 25.72 -7.11
N PRO A 43 11.27 26.91 -6.52
CA PRO A 43 12.48 27.51 -5.96
C PRO A 43 13.03 26.70 -4.80
N PHE A 44 14.15 26.02 -5.03
CA PHE A 44 14.76 25.18 -4.00
C PHE A 44 15.18 26.03 -2.81
N LYS A 45 14.75 25.61 -1.62
CA LYS A 45 15.13 26.28 -0.38
C LYS A 45 16.21 25.52 0.39
N SER A 46 16.48 24.26 0.02
CA SER A 46 17.48 23.45 0.70
C SER A 46 18.26 22.64 -0.33
N ALA A 47 19.32 21.99 0.15
CA ALA A 47 20.16 21.12 -0.67
C ALA A 47 21.03 20.30 0.26
N GLN A 48 21.53 19.20 -0.25
CA GLN A 48 22.45 18.32 0.45
C GLN A 48 23.68 17.97 -0.40
N VAL A 49 24.86 18.02 0.18
CA VAL A 49 26.09 17.74 -0.54
C VAL A 49 27.03 16.93 0.34
N PHE A 50 28.00 16.27 -0.32
CA PHE A 50 29.14 15.67 0.35
C PHE A 50 30.31 16.64 0.26
N ILE A 51 30.80 17.12 1.40
CA ILE A 51 32.06 17.86 1.41
C ILE A 51 33.26 16.95 1.61
N ALA A 52 33.03 15.68 1.92
CA ALA A 52 34.10 14.71 2.10
C ALA A 52 33.59 13.33 1.73
N GLY A 53 34.51 12.46 1.35
CA GLY A 53 34.16 11.08 1.04
C GLY A 53 33.37 10.88 -0.24
N PRO A 54 32.23 10.19 -0.16
CA PRO A 54 31.67 9.63 1.09
C PRO A 54 32.25 8.27 1.46
N ARG A 55 33.14 7.73 0.62
CA ARG A 55 33.70 6.40 0.85
C ARG A 55 35.17 6.45 1.23
N LYS A 56 35.73 7.62 1.51
CA LYS A 56 37.12 7.74 1.87
C LYS A 56 37.31 8.91 2.81
N ALA A 57 38.21 8.76 3.78
CA ALA A 57 38.48 9.80 4.77
C ALA A 57 39.32 10.92 4.18
N VAL A 58 38.75 11.62 3.20
CA VAL A 58 39.41 12.72 2.53
C VAL A 58 38.41 13.85 2.32
N ILE A 59 38.82 15.08 2.64
CA ILE A 59 38.00 16.25 2.35
C ILE A 59 38.01 16.50 0.84
N ASN A 60 36.82 16.70 0.27
CA ASN A 60 36.71 16.95 -1.16
C ASN A 60 36.74 18.43 -1.49
N ILE A 61 36.10 19.26 -0.66
CA ILE A 61 35.94 20.67 -0.99
C ILE A 61 37.27 21.40 -0.86
N GLN A 62 37.52 22.31 -1.80
CA GLN A 62 38.77 23.06 -1.87
C GLN A 62 38.54 24.52 -1.47
N GLU A 63 39.66 25.25 -1.36
CA GLU A 63 39.63 26.59 -0.77
C GLU A 63 38.72 27.54 -1.55
N ASP A 64 38.95 27.68 -2.86
CA ASP A 64 38.10 28.55 -3.66
C ASP A 64 36.64 28.11 -3.58
N ASP A 65 36.40 26.81 -3.52
CA ASP A 65 35.03 26.31 -3.37
C ASP A 65 34.44 26.74 -2.04
N LYS A 66 35.24 26.73 -0.97
CA LYS A 66 34.74 27.11 0.34
C LYS A 66 34.34 28.57 0.39
N VAL A 67 35.06 29.44 -0.32
CA VAL A 67 34.73 30.86 -0.32
C VAL A 67 33.49 31.11 -1.18
N GLU A 68 33.42 30.50 -2.36
CA GLU A 68 32.27 30.70 -3.23
C GLU A 68 31.01 30.06 -2.67
N LEU A 69 31.15 28.94 -1.96
CA LEU A 69 29.97 28.27 -1.40
C LEU A 69 29.29 29.13 -0.36
N LEU A 70 30.06 29.84 0.47
CA LEU A 70 29.48 30.73 1.46
C LEU A 70 28.71 31.87 0.79
N LYS A 71 29.30 32.47 -0.25
CA LYS A 71 28.60 33.52 -0.98
C LYS A 71 27.34 32.99 -1.66
N MET A 72 27.42 31.80 -2.24
CA MET A 72 26.25 31.20 -2.87
C MET A 72 25.14 30.94 -1.86
N ILE A 73 25.51 30.42 -0.68
CA ILE A 73 24.51 30.11 0.34
C ILE A 73 23.81 31.39 0.82
N VAL A 74 24.59 32.45 1.02
CA VAL A 74 24.00 33.70 1.50
C VAL A 74 23.15 34.35 0.41
N LYS A 75 23.65 34.37 -0.83
CA LYS A 75 22.96 35.06 -1.91
C LYS A 75 21.55 34.53 -2.11
N HIS A 76 21.41 33.20 -2.22
CA HIS A 76 20.11 32.58 -2.42
C HIS A 76 19.44 32.17 -1.11
N ASN A 77 20.10 32.37 0.03
CA ASN A 77 19.56 32.02 1.34
C ASN A 77 19.18 30.54 1.39
N LEU A 78 20.15 29.69 1.05
CA LEU A 78 19.92 28.25 0.98
C LEU A 78 20.21 27.60 2.33
N TRP A 79 19.36 26.65 2.72
CA TRP A 79 19.61 25.82 3.89
C TRP A 79 20.31 24.56 3.40
N VAL A 80 21.64 24.55 3.49
CA VAL A 80 22.45 23.45 2.99
C VAL A 80 22.92 22.60 4.16
N VAL A 81 22.81 21.28 4.02
CA VAL A 81 23.32 20.34 5.00
C VAL A 81 24.32 19.44 4.30
N ALA A 82 25.36 19.06 5.03
CA ALA A 82 26.38 18.17 4.53
C ALA A 82 26.11 16.76 5.04
N HIS A 83 26.19 15.77 4.14
CA HIS A 83 26.09 14.38 4.54
C HIS A 83 27.49 13.86 4.86
N GLY A 84 27.65 13.27 6.03
CA GLY A 84 28.93 12.73 6.42
C GLY A 84 29.32 11.52 5.58
N THR A 85 30.61 11.20 5.62
CA THR A 85 31.08 10.03 4.92
C THR A 85 30.54 8.76 5.59
N TYR A 86 30.61 7.65 4.86
CA TYR A 86 30.18 6.37 5.41
C TYR A 86 31.15 5.85 6.48
N LEU A 87 32.32 6.45 6.61
CA LEU A 87 33.28 6.05 7.63
C LEU A 87 33.15 6.84 8.92
N ASP A 88 32.17 7.74 9.01
CA ASP A 88 31.99 8.59 10.20
C ASP A 88 31.19 7.83 11.25
N VAL A 89 31.82 6.81 11.81
CA VAL A 89 31.22 5.99 12.87
C VAL A 89 31.93 6.31 14.17
N PRO A 90 31.44 7.26 14.96
CA PRO A 90 32.19 7.70 16.16
C PRO A 90 32.24 6.65 17.26
N TRP A 91 31.39 5.62 17.21
CA TRP A 91 31.34 4.59 18.23
C TRP A 91 32.05 3.32 17.82
N SER A 92 32.79 3.34 16.71
CA SER A 92 33.55 2.17 16.31
C SER A 92 34.72 1.94 17.27
N ARG A 93 35.31 0.75 17.19
CA ARG A 93 36.42 0.37 18.07
C ARG A 93 37.59 1.32 17.88
N ARG A 94 38.30 1.21 16.76
CA ARG A 94 39.37 2.13 16.42
C ARG A 94 38.75 3.35 15.77
N SER A 95 38.32 4.30 16.60
CA SER A 95 37.60 5.48 16.14
C SER A 95 38.35 6.77 16.43
N ALA A 96 39.62 6.70 16.84
CA ALA A 96 40.40 7.91 17.06
C ALA A 96 40.60 8.67 15.75
N PHE A 97 40.95 7.95 14.68
CA PHE A 97 41.07 8.58 13.36
C PHE A 97 39.71 9.00 12.81
N VAL A 98 38.64 8.33 13.23
CA VAL A 98 37.33 8.59 12.69
C VAL A 98 36.72 9.84 13.29
N THR A 99 36.76 9.96 14.62
CA THR A 99 36.15 11.11 15.28
C THR A 99 36.88 12.40 14.93
N HIS A 100 38.21 12.33 14.78
CA HIS A 100 38.97 13.52 14.39
C HIS A 100 38.55 14.00 13.00
N PHE A 101 38.26 13.07 12.09
CA PHE A 101 37.83 13.45 10.75
C PHE A 101 36.47 14.16 10.78
N ILE A 102 35.55 13.67 11.62
CA ILE A 102 34.28 14.35 11.79
C ILE A 102 34.50 15.76 12.33
N GLN A 103 35.52 15.95 13.16
CA GLN A 103 35.80 17.27 13.70
C GLN A 103 36.20 18.25 12.60
N GLN A 104 36.89 17.76 11.58
CA GLN A 104 37.27 18.56 10.44
C GLN A 104 36.07 19.01 9.63
N GLU A 105 35.14 18.10 9.39
CA GLU A 105 33.94 18.39 8.63
C GLU A 105 33.08 19.42 9.34
N LEU A 106 32.88 19.25 10.66
CA LEU A 106 32.07 20.20 11.42
C LEU A 106 32.67 21.59 11.37
N LEU A 107 34.01 21.69 11.49
CA LEU A 107 34.65 22.99 11.36
C LEU A 107 34.49 23.56 9.96
N ILE A 108 34.60 22.70 8.94
CA ILE A 108 34.43 23.15 7.56
C ILE A 108 33.00 23.63 7.32
N CYS A 109 32.03 22.95 7.94
CA CYS A 109 30.63 23.33 7.74
C CYS A 109 30.38 24.77 8.22
N LYS A 110 30.96 25.15 9.35
CA LYS A 110 30.76 26.51 9.85
C LYS A 110 31.48 27.53 8.98
N GLU A 111 32.60 27.14 8.37
CA GLU A 111 33.33 28.07 7.52
C GLU A 111 32.53 28.46 6.29
N VAL A 112 31.72 27.53 5.76
CA VAL A 112 31.01 27.75 4.51
C VAL A 112 29.51 27.96 4.74
N GLY A 113 29.08 28.03 6.00
CA GLY A 113 27.69 28.30 6.28
C GLY A 113 26.75 27.12 6.11
N ILE A 114 27.26 25.90 6.13
CA ILE A 114 26.42 24.72 6.07
C ILE A 114 25.81 24.48 7.44
N LYS A 115 24.51 24.19 7.47
CA LYS A 115 23.76 24.19 8.72
C LYS A 115 24.00 22.93 9.56
N GLY A 116 24.38 21.81 8.96
CA GLY A 116 24.52 20.61 9.76
C GLY A 116 25.29 19.53 9.04
N LEU A 117 25.50 18.43 9.76
CA LEU A 117 26.19 17.25 9.24
C LEU A 117 25.40 16.01 9.61
N VAL A 118 25.06 15.20 8.62
CA VAL A 118 24.28 13.99 8.82
C VAL A 118 25.22 12.82 9.10
N LEU A 119 25.00 12.13 10.22
CA LEU A 119 25.71 10.91 10.54
C LEU A 119 24.71 9.77 10.67
N HIS A 120 25.15 8.57 10.28
CA HIS A 120 24.28 7.40 10.30
C HIS A 120 24.32 6.72 11.66
N LEU A 121 23.15 6.50 12.25
CA LEU A 121 23.06 5.75 13.48
C LEU A 121 23.46 4.30 13.24
N GLY A 122 24.14 3.71 14.22
CA GLY A 122 24.50 2.32 14.13
C GLY A 122 23.44 1.41 14.74
N ALA A 123 23.56 0.12 14.46
CA ALA A 123 22.67 -0.87 15.03
C ALA A 123 23.18 -1.29 16.41
N VAL A 124 23.48 -0.31 17.26
CA VAL A 124 24.07 -0.57 18.57
C VAL A 124 23.19 0.04 19.65
N GLU A 125 23.58 -0.15 20.90
CA GLU A 125 22.80 0.35 22.03
C GLU A 125 22.93 1.87 22.12
N PRO A 126 21.91 2.55 22.66
CA PRO A 126 22.00 4.01 22.79
C PRO A 126 23.13 4.47 23.69
N GLU A 127 23.56 3.64 24.64
CA GLU A 127 24.68 3.99 25.50
C GLU A 127 25.96 4.14 24.68
N LEU A 128 26.23 3.18 23.80
CA LEU A 128 27.40 3.27 22.94
C LEU A 128 27.27 4.42 21.94
N ILE A 129 26.04 4.77 21.57
CA ILE A 129 25.83 5.90 20.66
C ILE A 129 26.25 7.19 21.32
N VAL A 130 25.72 7.47 22.51
CA VAL A 130 26.04 8.71 23.20
C VAL A 130 27.51 8.74 23.62
N GLU A 131 28.13 7.58 23.84
CA GLU A 131 29.55 7.54 24.16
C GLU A 131 30.39 8.09 23.01
N GLY A 132 30.19 7.55 21.81
CA GLY A 132 30.90 8.07 20.66
C GLY A 132 30.58 9.51 20.35
N LEU A 133 29.34 9.94 20.63
CA LEU A 133 28.97 11.33 20.41
C LEU A 133 29.70 12.26 21.36
N LYS A 134 29.90 11.83 22.62
CA LYS A 134 30.59 12.66 23.59
C LYS A 134 32.03 12.94 23.19
N LYS A 135 32.62 12.10 22.35
CA LYS A 135 33.98 12.30 21.88
C LYS A 135 34.11 13.47 20.90
N ILE A 136 33.04 14.21 20.65
CA ILE A 136 33.01 15.25 19.62
C ILE A 136 32.77 16.59 20.31
N LYS A 137 33.69 17.53 20.09
CA LYS A 137 33.50 18.89 20.58
C LYS A 137 32.58 19.64 19.62
N PRO A 138 31.52 20.27 20.11
CA PRO A 138 30.56 20.94 19.21
C PRO A 138 31.20 22.09 18.45
N VAL A 139 30.48 22.52 17.41
CA VAL A 139 30.88 23.66 16.58
C VAL A 139 29.67 24.58 16.46
N GLU A 140 29.84 25.83 16.91
CA GLU A 140 28.73 26.78 16.98
C GLU A 140 28.07 26.95 15.62
N GLY A 141 26.78 26.65 15.55
CA GLY A 141 25.99 26.85 14.35
C GLY A 141 25.79 25.63 13.48
N VAL A 142 26.38 24.50 13.83
CA VAL A 142 26.29 23.28 13.04
C VAL A 142 25.69 22.18 13.91
N VAL A 143 24.61 21.56 13.42
CA VAL A 143 23.89 20.53 14.15
C VAL A 143 24.23 19.17 13.56
N ILE A 144 24.59 18.22 14.43
CA ILE A 144 24.78 16.84 14.01
C ILE A 144 23.40 16.19 13.93
N TYR A 145 22.98 15.84 12.71
CA TYR A 145 21.69 15.20 12.49
C TYR A 145 21.90 13.69 12.45
N LEU A 146 21.35 12.98 13.44
CA LEU A 146 21.43 11.53 13.48
C LEU A 146 20.32 10.94 12.61
N GLU A 147 20.70 10.18 11.60
CA GLU A 147 19.76 9.66 10.62
C GLU A 147 19.22 8.29 11.04
N THR A 148 17.93 8.08 10.81
CA THR A 148 17.31 6.79 11.05
C THR A 148 17.95 5.75 10.13
N PRO A 149 18.56 4.69 10.67
CA PRO A 149 19.21 3.71 9.80
C PRO A 149 18.26 2.64 9.30
N HIS A 150 18.81 1.61 8.66
CA HIS A 150 18.03 0.49 8.15
C HIS A 150 18.76 -0.80 8.44
N ASN A 151 18.07 -1.73 9.10
CA ASN A 151 18.59 -3.09 9.29
C ASN A 151 17.42 -4.01 9.55
N LYS A 152 17.72 -5.31 9.60
CA LYS A 152 16.71 -6.34 9.78
C LYS A 152 16.93 -7.16 11.05
N HIS A 153 18.15 -7.63 11.28
CA HIS A 153 18.40 -8.62 12.32
C HIS A 153 18.82 -8.02 13.66
N HIS A 154 19.08 -6.72 13.72
CA HIS A 154 19.57 -6.11 14.94
C HIS A 154 18.42 -5.56 15.78
N THR A 155 18.62 -5.52 17.09
CA THR A 155 17.55 -5.09 18.00
C THR A 155 17.27 -3.60 17.85
N TYR A 156 18.31 -2.79 17.69
CA TYR A 156 18.16 -1.34 17.64
C TYR A 156 18.16 -0.88 16.18
N LYS A 157 17.01 -0.36 15.73
CA LYS A 157 16.88 0.21 14.40
C LYS A 157 16.55 1.70 14.44
N TYR A 158 16.14 2.23 15.59
CA TYR A 158 15.84 3.66 15.76
C TYR A 158 14.83 4.14 14.72
N SER A 159 13.79 3.33 14.49
CA SER A 159 12.70 3.69 13.60
C SER A 159 11.35 3.76 14.31
N THR A 160 11.19 3.12 15.46
CA THR A 160 10.01 3.29 16.29
C THR A 160 10.24 4.43 17.27
N MET A 161 9.15 5.10 17.66
CA MET A 161 9.27 6.24 18.55
C MET A 161 9.80 5.84 19.92
N GLU A 162 9.58 4.59 20.32
CA GLU A 162 10.12 4.11 21.59
C GLU A 162 11.64 4.12 21.58
N GLN A 163 12.24 3.58 20.51
CA GLN A 163 13.69 3.57 20.41
C GLN A 163 14.25 4.97 20.16
N ILE A 164 13.50 5.81 19.43
CA ILE A 164 13.95 7.18 19.22
C ILE A 164 13.89 7.98 20.51
N LYS A 165 12.81 7.84 21.27
CA LYS A 165 12.68 8.57 22.54
C LYS A 165 13.74 8.12 23.53
N GLU A 166 14.06 6.85 23.54
CA GLU A 166 15.06 6.35 24.43
C GLU A 166 16.41 6.97 24.14
N LEU A 167 16.78 7.04 22.86
CA LEU A 167 18.09 7.55 22.47
C LEU A 167 18.24 9.02 22.85
N PHE A 168 17.30 9.86 22.42
CA PHE A 168 17.46 11.30 22.61
C PHE A 168 17.30 11.71 24.06
N LEU A 169 16.62 10.92 24.90
CA LEU A 169 16.57 11.23 26.33
C LEU A 169 17.92 10.97 26.98
N ARG A 170 18.56 9.86 26.62
CA ARG A 170 19.94 9.63 27.05
C ARG A 170 20.87 10.70 26.52
N ILE A 171 20.54 11.29 25.37
CA ILE A 171 21.29 12.43 24.86
C ILE A 171 21.08 13.64 25.76
N ARG A 172 19.83 13.93 26.10
CA ARG A 172 19.53 15.13 26.89
C ARG A 172 20.04 15.01 28.32
N ASN A 173 20.02 13.81 28.89
CA ASN A 173 20.57 13.62 30.23
C ASN A 173 22.09 13.80 30.24
N THR A 174 22.76 13.42 29.15
CA THR A 174 24.20 13.63 29.03
C THR A 174 24.55 15.09 28.75
N ARG A 175 23.55 15.93 28.47
CA ARG A 175 23.75 17.36 28.21
C ARG A 175 24.73 17.58 27.07
N LEU A 176 24.38 17.02 25.91
CA LEU A 176 25.15 17.19 24.67
C LEU A 176 24.35 18.09 23.74
N LYS A 177 24.92 19.24 23.39
CA LYS A 177 24.21 20.24 22.63
C LYS A 177 24.37 20.03 21.13
N GLN A 178 23.56 20.73 20.37
CA GLN A 178 23.62 20.70 18.93
C GLN A 178 23.45 19.35 18.26
N ILE A 179 22.50 18.59 18.76
CA ILE A 179 22.19 17.27 18.21
C ILE A 179 20.79 17.33 17.63
N GLY A 180 20.63 16.80 16.41
CA GLY A 180 19.34 16.78 15.76
C GLY A 180 19.00 15.38 15.27
N LEU A 181 17.83 15.28 14.66
CA LEU A 181 17.30 14.02 14.13
C LEU A 181 17.02 14.18 12.65
N CYS A 182 17.45 13.20 11.86
CA CYS A 182 17.14 13.11 10.44
C CYS A 182 16.28 11.88 10.21
N ILE A 183 15.06 12.08 9.74
CA ILE A 183 14.10 11.01 9.52
C ILE A 183 14.12 10.68 8.04
N ASP A 184 14.70 9.54 7.68
CA ASP A 184 14.71 9.03 6.32
C ASP A 184 13.54 8.06 6.19
N THR A 185 12.52 8.44 5.41
CA THR A 185 11.31 7.64 5.33
C THR A 185 11.57 6.27 4.72
N ALA A 186 12.47 6.19 3.73
CA ALA A 186 12.81 4.91 3.14
C ALA A 186 13.50 3.98 4.14
N HIS A 187 14.14 4.53 5.18
CA HIS A 187 14.87 3.70 6.13
C HIS A 187 13.96 3.13 7.20
N ILE A 188 13.07 3.97 7.77
CA ILE A 188 12.13 3.46 8.76
C ILE A 188 11.18 2.47 8.12
N TRP A 189 10.89 2.65 6.83
CA TRP A 189 10.13 1.63 6.08
C TRP A 189 10.92 0.34 5.98
N SER A 190 12.19 0.43 5.60
CA SER A 190 13.04 -0.74 5.52
C SER A 190 13.21 -1.41 6.88
N SER A 191 13.13 -0.62 7.97
CA SER A 191 13.23 -1.18 9.31
C SER A 191 11.90 -1.69 9.84
N GLY A 192 10.83 -1.57 9.08
CA GLY A 192 9.56 -2.17 9.42
C GLY A 192 8.45 -1.24 9.90
N VAL A 193 8.48 0.03 9.52
CA VAL A 193 7.44 0.98 9.92
C VAL A 193 6.57 1.27 8.70
N ASN A 194 5.33 0.78 8.74
CA ASN A 194 4.37 1.03 7.67
C ASN A 194 3.93 2.49 7.71
N ILE A 195 4.32 3.27 6.72
CA ILE A 195 3.94 4.67 6.63
C ILE A 195 3.23 4.93 5.31
N SER A 196 2.55 3.90 4.78
CA SER A 196 1.97 4.00 3.46
C SER A 196 0.75 4.91 3.44
N SER A 197 -0.16 4.72 4.39
CA SER A 197 -1.39 5.49 4.42
C SER A 197 -1.24 6.75 5.27
N TYR A 198 -2.20 7.67 5.09
CA TYR A 198 -2.20 8.91 5.87
C TYR A 198 -2.25 8.62 7.37
N ASN A 199 -3.09 7.68 7.79
CA ASN A 199 -3.21 7.36 9.20
C ASN A 199 -1.95 6.68 9.72
N ASP A 200 -1.33 5.83 8.90
CA ASP A 200 -0.10 5.15 9.32
C ASP A 200 1.01 6.15 9.61
N ALA A 201 1.14 7.19 8.77
CA ALA A 201 2.12 8.23 9.03
C ALA A 201 1.67 9.17 10.14
N GLY A 202 0.37 9.49 10.17
CA GLY A 202 -0.14 10.40 11.18
C GLY A 202 0.06 9.88 12.60
N GLN A 203 -0.14 8.57 12.80
CA GLN A 203 0.07 8.00 14.11
C GLN A 203 1.54 8.06 14.50
N TRP A 204 2.44 7.75 13.55
CA TRP A 204 3.87 7.81 13.84
C TRP A 204 4.32 9.25 14.06
N LEU A 205 3.83 10.18 13.25
CA LEU A 205 4.25 11.58 13.39
C LEU A 205 3.64 12.23 14.63
N ARG A 206 2.47 11.77 15.06
CA ARG A 206 1.90 12.29 16.30
C ARG A 206 2.72 11.84 17.51
N SER A 207 3.16 10.58 17.51
CA SER A 207 4.05 10.11 18.57
C SER A 207 5.38 10.86 18.56
N LEU A 208 5.78 11.36 17.38
CA LEU A 208 6.99 12.18 17.31
C LEU A 208 6.80 13.51 18.01
N GLU A 209 5.69 14.20 17.71
CA GLU A 209 5.42 15.49 18.36
C GLU A 209 5.21 15.31 19.85
N ASN A 210 4.71 14.14 20.28
CA ASN A 210 4.49 13.89 21.71
C ASN A 210 5.79 13.75 22.49
N ILE A 211 6.95 13.81 21.85
CA ILE A 211 8.23 13.79 22.56
C ILE A 211 9.05 14.99 22.12
N HIS A 212 8.37 16.10 21.79
CA HIS A 212 9.06 17.32 21.39
C HIS A 212 9.99 17.83 22.48
N SER A 213 9.68 17.54 23.74
CA SER A 213 10.52 17.99 24.85
C SER A 213 11.87 17.30 24.88
N VAL A 214 12.07 16.27 24.06
CA VAL A 214 13.35 15.57 23.98
C VAL A 214 14.01 15.78 22.62
N ILE A 215 13.22 15.83 21.56
CA ILE A 215 13.71 16.14 20.22
C ILE A 215 12.74 17.15 19.59
N PRO A 216 12.99 18.45 19.74
CA PRO A 216 12.04 19.44 19.22
C PRO A 216 12.08 19.48 17.70
N PRO A 217 10.98 19.86 17.06
CA PRO A 217 10.97 19.91 15.59
C PRO A 217 11.93 20.93 15.00
N SER A 218 12.43 21.87 15.81
CA SER A 218 13.46 22.78 15.32
C SER A 218 14.75 22.04 14.97
N HIS A 219 14.97 20.88 15.57
CA HIS A 219 16.15 20.05 15.31
C HIS A 219 15.78 18.77 14.58
N ILE A 220 14.81 18.84 13.67
CA ILE A 220 14.36 17.69 12.90
C ILE A 220 14.41 18.03 11.42
N MET A 221 15.05 17.17 10.63
CA MET A 221 15.07 17.28 9.19
C MET A 221 14.60 15.96 8.58
N PHE A 222 14.30 15.98 7.28
CA PHE A 222 13.68 14.83 6.62
C PHE A 222 14.39 14.50 5.31
N HIS A 223 14.50 13.19 5.06
CA HIS A 223 14.85 12.66 3.75
C HIS A 223 13.59 12.04 3.16
N LEU A 224 13.01 12.71 2.16
CA LEU A 224 11.76 12.26 1.55
C LEU A 224 12.10 11.27 0.44
N ASN A 225 12.13 9.99 0.80
CA ASN A 225 12.50 8.94 -0.14
C ASN A 225 11.46 7.84 -0.11
N ASP A 226 10.95 7.48 -1.29
CA ASP A 226 10.22 6.23 -1.43
C ASP A 226 11.21 5.07 -1.47
N ALA A 227 10.70 3.86 -1.24
CA ALA A 227 11.56 2.68 -1.14
C ALA A 227 11.15 1.65 -2.18
N ALA A 228 12.14 1.15 -2.92
CA ALA A 228 11.93 0.06 -3.87
C ALA A 228 12.19 -1.29 -3.21
N THR A 229 11.67 -1.44 -2.01
CA THR A 229 11.86 -2.63 -1.20
C THR A 229 10.66 -2.88 -0.33
N GLU A 230 10.57 -4.04 0.30
CA GLU A 230 9.43 -4.38 1.14
C GLU A 230 9.60 -3.84 2.55
N CYS A 231 8.47 -3.58 3.21
CA CYS A 231 8.47 -3.07 4.58
C CYS A 231 9.03 -4.10 5.55
N GLY A 232 10.23 -3.84 6.06
CA GLY A 232 10.97 -4.79 6.86
C GLY A 232 12.17 -5.42 6.18
N SER A 233 12.59 -4.90 5.07
CA SER A 233 13.68 -5.46 4.37
C SER A 233 15.08 -5.46 5.00
N GLY A 234 15.45 -4.41 5.72
CA GLY A 234 16.83 -4.18 6.07
C GLY A 234 17.70 -3.76 4.91
N ILE A 235 17.15 -3.74 3.70
CA ILE A 235 17.87 -3.35 2.49
C ILE A 235 17.36 -1.99 2.03
N ASP A 236 18.27 -1.15 1.58
CA ASP A 236 17.97 0.24 1.25
C ASP A 236 18.03 0.44 -0.26
N ARG A 237 16.87 0.68 -0.88
CA ARG A 237 16.78 0.99 -2.30
C ARG A 237 15.87 2.20 -2.44
N HIS A 238 16.45 3.37 -2.73
CA HIS A 238 15.68 4.59 -2.85
C HIS A 238 14.89 4.61 -4.16
N ALA A 239 13.76 5.32 -4.14
CA ALA A 239 12.92 5.45 -5.31
C ALA A 239 12.18 6.79 -5.24
N SER A 240 11.72 7.24 -6.40
CA SER A 240 10.98 8.50 -6.47
C SER A 240 9.64 8.37 -5.76
N LEU A 241 9.16 9.50 -5.25
CA LEU A 241 7.90 9.52 -4.51
C LEU A 241 6.76 9.01 -5.39
N PHE A 242 5.93 8.15 -4.81
CA PHE A 242 4.80 7.51 -5.50
C PHE A 242 5.24 6.59 -6.63
N GLU A 243 6.51 6.19 -6.65
CA GLU A 243 7.00 5.24 -7.63
C GLU A 243 7.67 4.04 -6.99
N GLY A 244 7.58 3.91 -5.66
CA GLY A 244 8.14 2.77 -4.96
C GLY A 244 7.11 2.01 -4.16
N MET A 245 7.57 1.13 -3.27
CA MET A 245 6.65 0.26 -2.55
C MET A 245 5.84 0.99 -1.49
N ILE A 246 6.26 2.19 -1.07
CA ILE A 246 5.59 2.86 0.02
C ILE A 246 4.33 3.59 -0.46
N TRP A 247 4.42 4.26 -1.62
CA TRP A 247 3.34 5.17 -2.01
C TRP A 247 2.91 5.06 -3.47
N LYS A 248 3.34 4.03 -4.21
CA LYS A 248 2.91 3.92 -5.60
C LYS A 248 1.41 3.73 -5.71
N SER A 249 0.79 3.05 -4.73
CA SER A 249 -0.64 2.82 -4.75
C SER A 249 -1.45 4.07 -4.46
N TYR A 250 -0.80 5.18 -4.10
CA TYR A 250 -1.49 6.43 -3.80
C TYR A 250 -1.24 7.50 -4.84
N SER A 251 -0.70 7.15 -6.00
CA SER A 251 -0.47 8.15 -7.05
C SER A 251 -1.77 8.76 -7.54
N HIS A 252 -2.86 7.99 -7.50
CA HIS A 252 -4.16 8.54 -7.92
C HIS A 252 -4.68 9.54 -6.92
N LYS A 253 -4.58 9.23 -5.63
CA LYS A 253 -5.05 10.11 -4.55
C LYS A 253 -3.86 10.37 -3.63
N ILE A 254 -3.09 11.41 -3.97
CA ILE A 254 -1.84 11.67 -3.26
C ILE A 254 -2.05 12.27 -1.87
N LYS A 255 -3.23 12.81 -1.59
CA LYS A 255 -3.50 13.40 -0.29
C LYS A 255 -4.01 12.39 0.74
N GLN A 256 -4.16 11.13 0.36
CA GLN A 256 -4.39 10.05 1.32
C GLN A 256 -3.14 9.22 1.55
N SER A 257 -2.04 9.54 0.90
CA SER A 257 -0.79 8.84 1.12
C SER A 257 -0.17 9.24 2.46
N GLY A 258 0.79 8.43 2.89
CA GLY A 258 1.55 8.79 4.08
C GLY A 258 2.49 9.95 3.86
N LEU A 259 2.92 10.16 2.61
CA LEU A 259 3.85 11.25 2.32
C LEU A 259 3.19 12.61 2.53
N TYR A 260 1.92 12.76 2.10
CA TYR A 260 1.24 14.03 2.27
C TYR A 260 1.13 14.41 3.73
N CYS A 261 1.01 13.42 4.62
CA CYS A 261 1.04 13.71 6.05
C CYS A 261 2.43 14.18 6.49
N PHE A 262 3.48 13.62 5.88
CA PHE A 262 4.82 14.12 6.15
C PHE A 262 5.01 15.53 5.62
N VAL A 263 4.40 15.85 4.48
CA VAL A 263 4.51 17.19 3.91
C VAL A 263 3.82 18.20 4.82
N GLU A 264 2.70 17.82 5.43
CA GLU A 264 1.99 18.74 6.31
C GLU A 264 2.78 19.03 7.58
N TYR A 265 3.45 18.02 8.14
CA TYR A 265 4.28 18.24 9.31
C TYR A 265 5.49 19.09 8.96
N ILE A 266 6.12 18.82 7.81
CA ILE A 266 7.26 19.61 7.37
C ILE A 266 6.84 21.07 7.15
N THR A 267 5.63 21.27 6.64
CA THR A 267 5.13 22.63 6.43
C THR A 267 4.90 23.35 7.75
N ARG A 268 4.13 22.73 8.65
CA ARG A 268 3.76 23.37 9.90
C ARG A 268 4.95 23.59 10.85
N HIS A 269 6.09 22.95 10.58
CA HIS A 269 7.28 23.14 11.40
C HIS A 269 8.47 23.69 10.63
N GLN A 270 8.30 24.02 9.34
CA GLN A 270 9.34 24.64 8.52
C GLN A 270 10.61 23.79 8.51
N CYS A 271 10.44 22.48 8.52
CA CYS A 271 11.57 21.57 8.55
C CYS A 271 12.25 21.49 7.18
N PRO A 272 13.54 21.19 7.15
CA PRO A 272 14.20 20.90 5.87
C PRO A 272 13.82 19.52 5.38
N ALA A 273 13.61 19.41 4.06
CA ALA A 273 13.24 18.15 3.42
C ALA A 273 14.13 17.97 2.20
N ILE A 274 14.85 16.85 2.17
CA ILE A 274 15.81 16.56 1.10
C ILE A 274 15.39 15.29 0.39
N LEU A 275 15.26 15.37 -0.93
CA LEU A 275 15.04 14.19 -1.77
C LEU A 275 16.39 13.64 -2.21
N GLU A 276 16.59 12.34 -2.04
CA GLU A 276 17.86 11.69 -2.35
C GLU A 276 17.65 10.74 -3.52
N ARG A 277 17.87 11.23 -4.71
CA ARG A 277 17.72 10.43 -5.89
C ARG A 277 19.00 10.23 -6.61
N ASN A 278 19.27 9.01 -6.97
CA ASN A 278 20.40 8.68 -7.73
C ASN A 278 19.91 8.08 -9.02
N LEU A 279 20.32 8.63 -10.14
CA LEU A 279 20.10 8.06 -11.46
C LEU A 279 21.40 8.09 -12.23
N GLY A 280 21.46 7.29 -13.31
CA GLY A 280 22.72 7.07 -14.00
C GLY A 280 23.27 8.28 -14.72
N SER A 281 22.45 9.30 -14.97
CA SER A 281 22.82 10.38 -15.86
C SER A 281 21.93 11.60 -15.56
N SER A 282 22.31 12.74 -16.12
CA SER A 282 21.66 14.00 -15.75
C SER A 282 20.18 14.01 -16.14
N MET A 283 19.87 13.60 -17.38
CA MET A 283 18.51 13.79 -17.89
C MET A 283 17.51 12.88 -17.20
N GLN A 284 17.92 11.63 -16.90
CA GLN A 284 17.04 10.76 -16.12
C GLN A 284 16.72 11.41 -14.78
N LEU A 285 17.75 11.87 -14.07
CA LEU A 285 17.55 12.47 -12.75
C LEU A 285 16.62 13.68 -12.83
N GLN A 286 16.81 14.54 -13.84
CA GLN A 286 16.00 15.74 -13.93
C GLN A 286 14.54 15.41 -14.25
N THR A 287 14.30 14.42 -15.10
CA THR A 287 12.92 14.03 -15.38
C THR A 287 12.24 13.49 -14.12
N ALA A 288 12.97 12.73 -13.31
CA ALA A 288 12.40 12.18 -12.09
C ALA A 288 12.08 13.27 -11.08
N LEU A 289 12.99 14.24 -10.91
CA LEU A 289 12.78 15.28 -9.91
C LEU A 289 11.68 16.25 -10.33
N THR A 290 11.57 16.54 -11.62
CA THR A 290 10.48 17.40 -12.10
C THR A 290 9.13 16.79 -11.76
N ALA A 291 9.00 15.48 -11.87
CA ALA A 291 7.76 14.82 -11.48
C ALA A 291 7.53 14.91 -9.97
N GLU A 292 8.60 14.74 -9.19
CA GLU A 292 8.44 14.72 -7.73
C GLU A 292 8.16 16.11 -7.18
N PHE A 293 8.78 17.14 -7.75
CA PHE A 293 8.61 18.48 -7.19
C PHE A 293 7.33 19.16 -7.67
N THR A 294 6.83 18.80 -8.86
CA THR A 294 5.51 19.27 -9.27
C THR A 294 4.42 18.63 -8.41
N THR A 295 4.57 17.34 -8.09
CA THR A 295 3.65 16.69 -7.16
C THR A 295 3.76 17.31 -5.77
N LEU A 296 4.99 17.62 -5.33
CA LEU A 296 5.17 18.33 -4.07
C LEU A 296 4.51 19.71 -4.12
N LYS A 297 4.66 20.41 -5.25
CA LYS A 297 4.03 21.72 -5.38
C LYS A 297 2.51 21.62 -5.32
N SER A 298 1.95 20.50 -5.78
CA SER A 298 0.51 20.29 -5.67
C SER A 298 0.09 20.19 -4.20
N LEU A 299 0.84 19.42 -3.40
CA LEU A 299 0.52 19.25 -2.00
C LEU A 299 0.81 20.50 -1.17
N LEU A 300 1.58 21.44 -1.72
CA LEU A 300 1.96 22.65 -0.99
C LEU A 300 1.06 23.81 -1.37
N LYS A 301 1.21 24.30 -2.61
CA LYS A 301 0.39 25.39 -3.09
C LYS A 301 -1.03 24.92 -3.36
N SER E 2 -29.31 -12.33 13.22
CA SER E 2 -28.17 -12.62 14.02
C SER E 2 -27.17 -13.48 13.27
N GLY E 3 -26.05 -13.78 13.90
CA GLY E 3 -25.01 -14.59 13.34
C GLY E 3 -23.87 -13.95 12.56
N GLY E 4 -23.99 -12.68 12.27
CA GLY E 4 -22.96 -11.96 11.53
C GLY E 4 -22.84 -12.33 10.08
N GLY E 5 -21.65 -12.14 9.53
CA GLY E 5 -21.41 -12.48 8.15
C GLY E 5 -21.44 -13.99 7.92
N MET E 6 -21.69 -14.35 6.66
CA MET E 6 -21.77 -15.75 6.25
C MET E 6 -20.53 -16.05 5.41
N PHE E 7 -19.47 -16.49 6.07
CA PHE E 7 -18.16 -16.63 5.45
C PHE E 7 -17.99 -18.03 4.87
N GLY E 8 -17.36 -18.09 3.70
CA GLY E 8 -17.10 -19.34 3.04
C GLY E 8 -16.04 -19.18 1.99
N ALA E 9 -15.97 -20.16 1.08
CA ALA E 9 -14.99 -20.15 0.02
C ALA E 9 -15.56 -20.84 -1.21
N PHE E 10 -14.86 -20.67 -2.34
CA PHE E 10 -15.20 -21.40 -3.54
C PHE E 10 -14.77 -22.85 -3.40
N VAL E 11 -15.66 -23.76 -3.77
CA VAL E 11 -15.45 -25.20 -3.59
C VAL E 11 -15.21 -25.80 -4.96
N SER E 12 -13.96 -26.14 -5.26
CA SER E 12 -13.64 -26.80 -6.52
C SER E 12 -13.97 -28.29 -6.47
N HIS E 13 -14.48 -28.84 -7.54
CA HIS E 13 -14.77 -30.25 -7.64
C HIS E 13 -13.48 -31.07 -7.58
N ARG E 14 -12.44 -30.61 -8.25
CA ARG E 14 -11.21 -31.38 -8.30
C ARG E 14 -10.60 -31.58 -6.92
N LEU E 15 -10.55 -30.53 -6.12
CA LEU E 15 -9.78 -30.52 -4.88
C LEU E 15 -10.61 -30.86 -3.66
N TRP E 16 -11.90 -31.21 -3.83
CA TRP E 16 -12.75 -31.55 -2.70
C TRP E 16 -13.56 -32.82 -2.87
N SER E 17 -13.96 -33.18 -4.09
CA SER E 17 -14.74 -34.39 -4.29
C SER E 17 -13.91 -35.63 -3.98
N ASP E 18 -14.55 -36.68 -3.51
CA ASP E 18 -13.86 -37.93 -3.22
C ASP E 18 -13.52 -38.64 -4.52
N SER E 19 -12.70 -39.67 -4.42
CA SER E 19 -12.19 -40.40 -5.58
C SER E 19 -13.28 -41.11 -6.36
N GLY E 20 -14.26 -41.69 -5.66
CA GLY E 20 -15.42 -42.30 -6.30
C GLY E 20 -16.70 -41.54 -6.02
N CYS E 21 -16.75 -40.26 -6.40
CA CYS E 21 -17.93 -39.47 -6.11
C CYS E 21 -19.07 -39.76 -7.07
N THR E 22 -18.75 -40.21 -8.29
CA THR E 22 -19.76 -40.61 -9.29
C THR E 22 -20.87 -39.62 -9.61
N THR E 23 -22.07 -39.83 -9.12
CA THR E 23 -23.15 -38.94 -9.43
C THR E 23 -23.41 -37.82 -8.46
N THR E 24 -22.73 -37.81 -7.33
CA THR E 24 -22.93 -36.83 -6.28
C THR E 24 -21.62 -36.15 -5.91
N CYS E 25 -20.89 -35.67 -6.93
CA CYS E 25 -19.57 -35.08 -6.67
C CYS E 25 -19.68 -33.71 -6.01
N ILE E 26 -20.60 -32.87 -6.50
CA ILE E 26 -20.76 -31.54 -5.92
C ILE E 26 -21.18 -31.65 -4.46
N THR E 27 -22.19 -32.49 -4.20
CA THR E 27 -22.63 -32.71 -2.83
C THR E 27 -21.49 -33.25 -1.97
N ASN E 28 -20.76 -34.23 -2.48
CA ASN E 28 -19.66 -34.82 -1.72
C ASN E 28 -18.55 -33.81 -1.46
N SER E 29 -18.26 -32.95 -2.45
CA SER E 29 -17.27 -31.90 -2.24
C SER E 29 -17.71 -30.91 -1.18
N ILE E 30 -19.01 -30.63 -1.10
CA ILE E 30 -19.54 -29.74 -0.07
C ILE E 30 -19.41 -30.40 1.30
N ALA E 31 -19.62 -31.72 1.37
CA ALA E 31 -19.54 -32.43 2.64
C ALA E 31 -18.11 -32.38 3.20
N ASN E 32 -17.12 -32.70 2.37
CA ASN E 32 -15.74 -32.61 2.81
C ASN E 32 -15.37 -31.17 3.16
N TYR E 33 -15.90 -30.21 2.40
CA TYR E 33 -15.65 -28.80 2.67
C TYR E 33 -16.30 -28.37 3.98
N VAL E 34 -17.51 -28.87 4.26
CA VAL E 34 -18.15 -28.60 5.55
C VAL E 34 -17.35 -29.25 6.68
N ALA E 35 -16.87 -30.48 6.45
CA ALA E 35 -16.08 -31.17 7.47
C ALA E 35 -14.78 -30.42 7.75
N PHE E 36 -14.15 -29.88 6.70
CA PHE E 36 -12.91 -29.13 6.88
C PHE E 36 -13.14 -27.91 7.77
N GLY E 37 -14.24 -27.20 7.56
CA GLY E 37 -14.51 -26.02 8.38
C GLY E 37 -14.75 -26.36 9.83
N GLU E 38 -15.44 -27.48 10.09
CA GLU E 38 -15.64 -27.92 11.47
C GLU E 38 -14.33 -28.38 12.10
N GLN E 39 -13.40 -28.90 11.30
CA GLN E 39 -12.11 -29.34 11.85
C GLN E 39 -11.27 -28.16 12.30
N ILE E 40 -11.30 -27.05 11.57
CA ILE E 40 -10.45 -25.90 11.87
C ILE E 40 -11.19 -24.94 12.79
N GLY E 41 -12.33 -25.36 13.31
CA GLY E 41 -13.08 -24.52 14.23
C GLY E 41 -13.71 -23.29 13.60
N PHE E 42 -13.91 -23.29 12.29
CA PHE E 42 -14.53 -22.17 11.58
C PHE E 42 -15.64 -22.76 10.72
N PRO E 43 -16.84 -22.95 11.28
CA PRO E 43 -17.94 -23.51 10.49
C PRO E 43 -18.39 -22.53 9.41
N PHE E 44 -18.41 -23.01 8.17
CA PHE E 44 -18.80 -22.17 7.04
C PHE E 44 -20.32 -22.00 7.01
N LYS E 45 -20.76 -20.78 6.73
CA LYS E 45 -22.17 -20.50 6.49
C LYS E 45 -22.47 -20.25 5.02
N SER E 46 -21.45 -20.21 4.17
CA SER E 46 -21.63 -19.96 2.75
C SER E 46 -20.63 -20.77 1.95
N ALA E 47 -20.85 -20.83 0.64
CA ALA E 47 -19.96 -21.52 -0.28
C ALA E 47 -20.31 -21.06 -1.70
N GLN E 48 -19.44 -21.34 -2.63
CA GLN E 48 -19.62 -21.05 -4.03
C GLN E 48 -19.16 -22.19 -4.92
N VAL E 49 -19.96 -22.53 -5.91
CA VAL E 49 -19.65 -23.62 -6.82
C VAL E 49 -19.96 -23.18 -8.25
N PHE E 50 -19.48 -23.98 -9.20
CA PHE E 50 -19.97 -23.94 -10.57
C PHE E 50 -20.95 -25.08 -10.75
N ILE E 51 -22.17 -24.76 -11.18
CA ILE E 51 -23.10 -25.79 -11.65
C ILE E 51 -23.03 -25.95 -13.16
N ALA E 52 -22.28 -25.10 -13.84
CA ALA E 52 -22.14 -25.16 -15.29
C ALA E 52 -20.79 -24.57 -15.68
N GLY E 53 -20.23 -25.08 -16.77
CA GLY E 53 -18.98 -24.57 -17.28
C GLY E 53 -17.78 -24.79 -16.39
N PRO E 54 -17.07 -23.71 -16.03
CA PRO E 54 -17.40 -22.33 -16.37
C PRO E 54 -16.87 -21.89 -17.74
N ARG E 55 -16.36 -22.82 -18.52
CA ARG E 55 -15.71 -22.48 -19.79
C ARG E 55 -16.48 -22.95 -21.02
N LYS E 56 -17.50 -23.78 -20.86
CA LYS E 56 -18.40 -24.13 -21.95
C LYS E 56 -19.83 -24.12 -21.43
N ALA E 57 -20.77 -23.76 -22.31
CA ALA E 57 -22.17 -23.65 -21.93
C ALA E 57 -22.79 -25.04 -21.79
N VAL E 58 -22.36 -25.74 -20.75
CA VAL E 58 -22.86 -27.08 -20.44
C VAL E 58 -23.16 -27.14 -18.94
N ILE E 59 -24.28 -27.77 -18.59
CA ILE E 59 -24.63 -28.00 -17.20
C ILE E 59 -23.80 -29.16 -16.67
N ASN E 60 -23.20 -28.98 -15.50
CA ASN E 60 -22.34 -30.00 -14.92
C ASN E 60 -23.06 -30.91 -13.93
N ILE E 61 -23.92 -30.33 -13.08
CA ILE E 61 -24.51 -31.09 -11.99
C ILE E 61 -25.47 -32.14 -12.54
N GLN E 62 -25.43 -33.32 -11.95
CA GLN E 62 -26.20 -34.47 -12.42
C GLN E 62 -27.46 -34.66 -11.58
N GLU E 63 -28.29 -35.62 -12.00
CA GLU E 63 -29.61 -35.79 -11.39
C GLU E 63 -29.52 -36.16 -9.92
N ASP E 64 -28.74 -37.19 -9.60
CA ASP E 64 -28.56 -37.57 -8.20
C ASP E 64 -27.94 -36.43 -7.40
N ASP E 65 -27.03 -35.68 -8.02
CA ASP E 65 -26.35 -34.59 -7.33
C ASP E 65 -27.32 -33.48 -6.94
N LYS E 66 -28.29 -33.18 -7.81
CA LYS E 66 -29.26 -32.12 -7.50
C LYS E 66 -30.06 -32.46 -6.25
N VAL E 67 -30.53 -33.71 -6.15
CA VAL E 67 -31.34 -34.11 -4.99
C VAL E 67 -30.52 -34.04 -3.71
N GLU E 68 -29.28 -34.52 -3.76
CA GLU E 68 -28.46 -34.57 -2.55
C GLU E 68 -27.91 -33.20 -2.17
N LEU E 69 -27.64 -32.33 -3.16
CA LEU E 69 -27.14 -31.00 -2.84
C LEU E 69 -28.19 -30.20 -2.08
N LEU E 70 -29.47 -30.35 -2.44
CA LEU E 70 -30.53 -29.65 -1.73
C LEU E 70 -30.60 -30.09 -0.28
N LYS E 71 -30.56 -31.40 -0.03
CA LYS E 71 -30.57 -31.90 1.34
C LYS E 71 -29.34 -31.43 2.11
N MET E 72 -28.19 -31.40 1.44
CA MET E 72 -26.96 -30.95 2.11
C MET E 72 -27.06 -29.49 2.50
N ILE E 73 -27.52 -28.64 1.60
CA ILE E 73 -27.62 -27.21 1.88
C ILE E 73 -28.63 -26.95 2.99
N VAL E 74 -29.74 -27.70 3.00
CA VAL E 74 -30.75 -27.52 4.03
C VAL E 74 -30.22 -28.00 5.38
N LYS E 75 -29.50 -29.13 5.40
CA LYS E 75 -29.04 -29.70 6.66
C LYS E 75 -28.11 -28.74 7.39
N HIS E 76 -27.23 -28.06 6.67
CA HIS E 76 -26.26 -27.15 7.29
C HIS E 76 -26.67 -25.70 7.15
N ASN E 77 -27.84 -25.42 6.63
CA ASN E 77 -28.31 -24.06 6.44
C ASN E 77 -27.27 -23.21 5.71
N LEU E 78 -26.77 -23.73 4.60
CA LEU E 78 -25.72 -23.04 3.86
C LEU E 78 -26.30 -22.02 2.90
N TRP E 79 -25.58 -20.91 2.74
CA TRP E 79 -25.90 -19.91 1.73
C TRP E 79 -24.95 -20.15 0.56
N VAL E 80 -25.41 -20.90 -0.43
CA VAL E 80 -24.59 -21.29 -1.57
C VAL E 80 -24.97 -20.41 -2.76
N VAL E 81 -23.97 -19.90 -3.45
CA VAL E 81 -24.13 -19.09 -4.62
C VAL E 81 -23.43 -19.80 -5.77
N ALA E 82 -24.02 -19.75 -6.93
CA ALA E 82 -23.41 -20.34 -8.11
C ALA E 82 -22.73 -19.24 -8.91
N HIS E 83 -21.52 -19.52 -9.38
CA HIS E 83 -20.83 -18.60 -10.28
C HIS E 83 -21.17 -19.01 -11.70
N GLY E 84 -21.79 -18.10 -12.46
CA GLY E 84 -22.10 -18.39 -13.83
C GLY E 84 -20.86 -18.64 -14.66
N THR E 85 -21.06 -19.22 -15.85
CA THR E 85 -19.94 -19.45 -16.74
C THR E 85 -19.41 -18.12 -17.26
N TYR E 86 -18.23 -18.14 -17.84
CA TYR E 86 -17.64 -17.00 -18.47
C TYR E 86 -18.34 -16.72 -19.79
N LEU E 87 -19.15 -17.63 -20.25
CA LEU E 87 -19.91 -17.44 -21.44
C LEU E 87 -21.28 -16.80 -21.17
N ASP E 88 -21.67 -16.61 -19.91
CA ASP E 88 -22.96 -16.05 -19.58
C ASP E 88 -22.94 -14.54 -19.74
N VAL E 89 -23.03 -14.09 -20.95
CA VAL E 89 -23.02 -12.68 -21.31
C VAL E 89 -24.37 -12.31 -21.89
N PRO E 90 -25.27 -11.75 -21.07
CA PRO E 90 -26.65 -11.51 -21.56
C PRO E 90 -26.75 -10.48 -22.67
N TRP E 91 -25.79 -9.57 -22.82
CA TRP E 91 -25.92 -8.41 -23.70
C TRP E 91 -25.20 -8.59 -25.03
N SER E 92 -25.18 -9.80 -25.57
CA SER E 92 -24.32 -10.07 -26.70
C SER E 92 -25.11 -10.65 -27.87
N ARG E 93 -24.47 -10.68 -29.05
CA ARG E 93 -25.16 -10.98 -30.31
C ARG E 93 -25.87 -12.33 -30.25
N ARG E 94 -25.17 -13.36 -29.79
CA ARG E 94 -25.76 -14.69 -29.66
C ARG E 94 -26.68 -14.73 -28.44
N SER E 95 -27.62 -13.78 -28.36
CA SER E 95 -28.38 -13.57 -27.13
C SER E 95 -29.38 -14.70 -26.88
N ALA E 96 -29.95 -15.27 -27.94
CA ALA E 96 -31.02 -16.25 -27.78
C ALA E 96 -30.57 -17.43 -26.94
N PHE E 97 -29.46 -18.06 -27.31
CA PHE E 97 -28.99 -19.23 -26.57
C PHE E 97 -28.43 -18.85 -25.21
N VAL E 98 -27.70 -17.73 -25.13
CA VAL E 98 -27.04 -17.37 -23.88
C VAL E 98 -28.06 -17.05 -22.80
N THR E 99 -29.10 -16.27 -23.14
CA THR E 99 -30.15 -15.99 -22.16
C THR E 99 -30.80 -17.26 -21.68
N HIS E 100 -31.14 -18.17 -22.60
CA HIS E 100 -31.81 -19.41 -22.22
C HIS E 100 -30.94 -20.30 -21.35
N PHE E 101 -29.62 -20.25 -21.54
CA PHE E 101 -28.75 -21.05 -20.67
C PHE E 101 -28.68 -20.47 -19.27
N ILE E 102 -28.64 -19.13 -19.16
CA ILE E 102 -28.71 -18.48 -17.86
C ILE E 102 -30.01 -18.84 -17.15
N GLN E 103 -31.12 -18.86 -17.91
CA GLN E 103 -32.39 -19.25 -17.32
C GLN E 103 -32.35 -20.70 -16.83
N GLN E 104 -31.66 -21.57 -17.57
CA GLN E 104 -31.55 -22.96 -17.14
C GLN E 104 -30.73 -23.08 -15.86
N GLU E 105 -29.68 -22.25 -15.73
CA GLU E 105 -28.91 -22.25 -14.49
C GLU E 105 -29.75 -21.76 -13.31
N LEU E 106 -30.50 -20.68 -13.53
CA LEU E 106 -31.31 -20.11 -12.46
C LEU E 106 -32.36 -21.11 -11.98
N LEU E 107 -32.90 -21.92 -12.90
CA LEU E 107 -33.89 -22.92 -12.52
C LEU E 107 -33.25 -24.04 -11.72
N ILE E 108 -32.04 -24.45 -12.11
CA ILE E 108 -31.32 -25.45 -11.33
C ILE E 108 -30.95 -24.89 -9.96
N CYS E 109 -30.61 -23.60 -9.89
CA CYS E 109 -30.29 -22.99 -8.61
C CYS E 109 -31.47 -23.06 -7.65
N LYS E 110 -32.66 -22.72 -8.13
CA LYS E 110 -33.86 -22.85 -7.29
C LYS E 110 -34.14 -24.30 -6.96
N GLU E 111 -33.81 -25.22 -7.87
CA GLU E 111 -34.09 -26.63 -7.64
C GLU E 111 -33.20 -27.21 -6.54
N VAL E 112 -31.96 -26.73 -6.44
CA VAL E 112 -30.99 -27.31 -5.50
C VAL E 112 -30.77 -26.43 -4.28
N GLY E 113 -31.52 -25.34 -4.15
CA GLY E 113 -31.43 -24.49 -2.98
C GLY E 113 -30.37 -23.41 -3.03
N ILE E 114 -29.80 -23.13 -4.19
CA ILE E 114 -28.79 -22.10 -4.34
C ILE E 114 -29.48 -20.74 -4.39
N LYS E 115 -28.83 -19.72 -3.80
CA LYS E 115 -29.45 -18.42 -3.62
C LYS E 115 -29.19 -17.44 -4.76
N GLY E 116 -28.17 -17.65 -5.58
CA GLY E 116 -27.86 -16.64 -6.58
C GLY E 116 -26.93 -17.14 -7.66
N LEU E 117 -26.72 -16.25 -8.64
CA LEU E 117 -25.85 -16.54 -9.79
C LEU E 117 -25.01 -15.30 -10.07
N VAL E 118 -23.69 -15.47 -10.11
CA VAL E 118 -22.77 -14.36 -10.34
C VAL E 118 -22.50 -14.23 -11.83
N LEU E 119 -22.76 -13.04 -12.38
CA LEU E 119 -22.45 -12.73 -13.76
C LEU E 119 -21.42 -11.61 -13.82
N HIS E 120 -20.54 -11.67 -14.80
CA HIS E 120 -19.48 -10.67 -14.94
C HIS E 120 -19.96 -9.48 -15.77
N LEU E 121 -19.41 -8.31 -15.46
CA LEU E 121 -19.78 -7.06 -16.10
C LEU E 121 -18.68 -6.66 -17.07
N GLY E 122 -19.00 -6.66 -18.37
CA GLY E 122 -18.09 -6.14 -19.35
C GLY E 122 -18.11 -4.62 -19.40
N ALA E 123 -17.07 -4.05 -20.01
CA ALA E 123 -16.96 -2.60 -20.15
C ALA E 123 -17.83 -2.16 -21.33
N VAL E 124 -19.14 -2.14 -21.10
CA VAL E 124 -20.12 -1.74 -22.10
C VAL E 124 -21.07 -0.72 -21.47
N GLU E 125 -21.89 -0.12 -22.31
CA GLU E 125 -22.81 0.91 -21.86
C GLU E 125 -23.81 0.32 -20.88
N PRO E 126 -24.20 1.06 -19.83
CA PRO E 126 -25.17 0.51 -18.87
C PRO E 126 -26.51 0.17 -19.50
N GLU E 127 -26.88 0.84 -20.60
CA GLU E 127 -28.13 0.52 -21.27
C GLU E 127 -28.11 -0.88 -21.87
N LEU E 128 -27.00 -1.25 -22.52
CA LEU E 128 -26.89 -2.59 -23.08
C LEU E 128 -26.85 -3.65 -21.99
N ILE E 129 -26.35 -3.31 -20.81
CA ILE E 129 -26.35 -4.26 -19.70
C ILE E 129 -27.78 -4.53 -19.23
N VAL E 130 -28.55 -3.47 -19.01
CA VAL E 130 -29.91 -3.63 -18.49
C VAL E 130 -30.80 -4.29 -19.53
N GLU E 131 -30.61 -3.96 -20.81
CA GLU E 131 -31.39 -4.60 -21.86
C GLU E 131 -31.15 -6.10 -21.88
N GLY E 132 -29.89 -6.52 -21.75
CA GLY E 132 -29.59 -7.94 -21.66
C GLY E 132 -30.18 -8.58 -20.42
N LEU E 133 -30.15 -7.87 -19.30
CA LEU E 133 -30.77 -8.38 -18.08
C LEU E 133 -32.29 -8.45 -18.21
N LYS E 134 -32.89 -7.53 -18.97
CA LYS E 134 -34.34 -7.56 -19.16
C LYS E 134 -34.79 -8.83 -19.86
N LYS E 135 -33.94 -9.41 -20.70
CA LYS E 135 -34.30 -10.60 -21.46
C LYS E 135 -34.28 -11.88 -20.64
N ILE E 136 -33.93 -11.80 -19.36
CA ILE E 136 -33.82 -12.97 -18.50
C ILE E 136 -35.09 -13.05 -17.66
N LYS E 137 -35.90 -14.07 -17.91
CA LYS E 137 -37.06 -14.31 -17.07
C LYS E 137 -36.59 -14.76 -15.70
N PRO E 138 -36.82 -14.00 -14.64
CA PRO E 138 -36.29 -14.37 -13.33
C PRO E 138 -37.03 -15.58 -12.77
N VAL E 139 -36.42 -16.17 -11.74
CA VAL E 139 -37.08 -17.21 -10.94
C VAL E 139 -37.07 -16.74 -9.50
N GLU E 140 -38.10 -17.12 -8.76
CA GLU E 140 -38.30 -16.59 -7.41
C GLU E 140 -37.24 -17.13 -6.46
N GLY E 141 -36.59 -16.23 -5.74
CA GLY E 141 -35.61 -16.60 -4.73
C GLY E 141 -34.21 -16.83 -5.23
N VAL E 142 -33.88 -16.39 -6.45
CA VAL E 142 -32.54 -16.54 -7.01
C VAL E 142 -32.12 -15.18 -7.57
N VAL E 143 -31.12 -14.57 -6.97
CA VAL E 143 -30.67 -13.23 -7.33
C VAL E 143 -29.51 -13.32 -8.30
N ILE E 144 -29.53 -12.49 -9.33
CA ILE E 144 -28.40 -12.36 -10.25
C ILE E 144 -27.47 -11.30 -9.68
N TYR E 145 -26.27 -11.71 -9.30
CA TYR E 145 -25.27 -10.82 -8.72
C TYR E 145 -24.31 -10.36 -9.82
N LEU E 146 -24.24 -9.05 -10.03
CA LEU E 146 -23.30 -8.45 -10.98
C LEU E 146 -21.98 -8.19 -10.26
N GLU E 147 -20.90 -8.78 -10.74
CA GLU E 147 -19.62 -8.68 -10.07
C GLU E 147 -18.84 -7.47 -10.56
N THR E 148 -18.19 -6.79 -9.62
CA THR E 148 -17.30 -5.69 -9.96
C THR E 148 -16.19 -6.18 -10.88
N PRO E 149 -15.96 -5.54 -12.02
CA PRO E 149 -14.93 -6.01 -12.95
C PRO E 149 -13.53 -5.61 -12.50
N HIS E 150 -12.55 -6.31 -13.06
CA HIS E 150 -11.15 -6.13 -12.71
C HIS E 150 -10.38 -5.26 -13.68
N ASN E 151 -10.88 -5.09 -14.91
CA ASN E 151 -10.10 -4.47 -15.97
C ASN E 151 -10.24 -2.95 -15.95
N LYS E 152 -9.36 -2.29 -16.70
CA LYS E 152 -9.37 -0.84 -16.84
C LYS E 152 -9.97 -0.46 -18.20
N HIS E 153 -10.76 0.61 -18.20
CA HIS E 153 -11.39 1.08 -19.42
C HIS E 153 -11.40 2.60 -19.41
N HIS E 154 -11.67 3.19 -20.58
CA HIS E 154 -11.64 4.63 -20.74
C HIS E 154 -12.99 5.30 -20.51
N THR E 155 -14.05 4.52 -20.31
CA THR E 155 -15.38 5.10 -20.18
C THR E 155 -16.23 4.37 -19.15
N TYR E 156 -16.35 3.05 -19.29
CA TYR E 156 -17.23 2.24 -18.44
C TYR E 156 -16.38 1.60 -17.35
N LYS E 157 -16.57 2.06 -16.11
CA LYS E 157 -15.73 1.69 -14.97
C LYS E 157 -16.67 1.25 -13.84
N TYR E 158 -17.11 0.00 -13.89
CA TYR E 158 -18.11 -0.51 -12.96
C TYR E 158 -17.53 -0.94 -11.62
N SER E 159 -16.29 -0.58 -11.33
CA SER E 159 -15.76 -0.66 -9.97
C SER E 159 -15.72 0.71 -9.30
N THR E 160 -16.17 1.75 -9.98
CA THR E 160 -16.31 3.07 -9.40
C THR E 160 -17.73 3.25 -8.89
N MET E 161 -17.87 3.92 -7.74
CA MET E 161 -19.17 4.01 -7.09
C MET E 161 -20.18 4.77 -7.93
N GLU E 162 -19.73 5.77 -8.70
CA GLU E 162 -20.66 6.56 -9.50
C GLU E 162 -21.30 5.73 -10.60
N GLN E 163 -20.51 4.90 -11.29
CA GLN E 163 -21.07 4.08 -12.36
C GLN E 163 -21.86 2.91 -11.81
N ILE E 164 -21.53 2.42 -10.62
CA ILE E 164 -22.35 1.40 -9.97
C ILE E 164 -23.73 1.96 -9.64
N LYS E 165 -23.75 3.15 -9.08
CA LYS E 165 -24.99 3.81 -8.74
C LYS E 165 -25.83 4.12 -9.97
N GLU E 166 -25.20 4.58 -11.01
CA GLU E 166 -25.90 4.87 -12.21
C GLU E 166 -26.52 3.62 -12.83
N LEU E 167 -25.77 2.52 -12.86
CA LEU E 167 -26.26 1.27 -13.39
C LEU E 167 -27.45 0.74 -12.59
N PHE E 168 -27.32 0.77 -11.29
CA PHE E 168 -28.36 0.35 -10.40
C PHE E 168 -29.58 1.23 -10.43
N LEU E 169 -29.37 2.52 -10.63
CA LEU E 169 -30.45 3.43 -10.75
C LEU E 169 -31.22 3.12 -12.01
N ARG E 170 -30.51 2.83 -13.08
CA ARG E 170 -31.17 2.44 -14.30
C ARG E 170 -31.98 1.14 -14.11
N ILE E 171 -31.44 0.19 -13.35
CA ILE E 171 -32.13 -1.05 -13.08
C ILE E 171 -33.43 -0.79 -12.29
N ARG E 172 -33.33 0.10 -11.28
CA ARG E 172 -34.47 0.49 -10.48
C ARG E 172 -35.49 1.22 -11.33
N ASN E 173 -35.03 2.04 -12.24
CA ASN E 173 -35.89 2.78 -13.14
C ASN E 173 -36.65 1.87 -14.07
N THR E 174 -36.00 0.78 -14.48
CA THR E 174 -36.57 -0.20 -15.34
C THR E 174 -37.38 -1.22 -14.60
N ARG E 175 -37.37 -1.17 -13.28
CA ARG E 175 -38.07 -2.05 -12.39
C ARG E 175 -37.68 -3.51 -12.53
N LEU E 176 -36.38 -3.76 -12.66
CA LEU E 176 -35.86 -5.13 -12.68
C LEU E 176 -35.72 -5.63 -11.25
N LYS E 177 -36.30 -6.79 -10.97
CA LYS E 177 -36.25 -7.39 -9.64
C LYS E 177 -35.15 -8.43 -9.56
N GLN E 178 -34.67 -8.66 -8.34
CA GLN E 178 -33.70 -9.73 -8.04
C GLN E 178 -32.38 -9.52 -8.79
N ILE E 179 -31.82 -8.33 -8.63
CA ILE E 179 -30.50 -8.00 -9.16
C ILE E 179 -29.64 -7.52 -8.00
N GLY E 180 -28.51 -8.20 -7.79
CA GLY E 180 -27.61 -7.88 -6.71
C GLY E 180 -26.26 -7.40 -7.20
N LEU E 181 -25.40 -7.07 -6.23
CA LEU E 181 -24.05 -6.61 -6.50
C LEU E 181 -23.06 -7.51 -5.77
N CYS E 182 -22.03 -7.94 -6.48
CA CYS E 182 -20.96 -8.76 -5.92
C CYS E 182 -19.68 -7.93 -5.93
N ILE E 183 -19.20 -7.55 -4.76
CA ILE E 183 -18.00 -6.75 -4.62
C ILE E 183 -16.82 -7.70 -4.42
N ASP E 184 -15.95 -7.78 -5.43
CA ASP E 184 -14.72 -8.56 -5.33
C ASP E 184 -13.58 -7.60 -5.00
N THR E 185 -12.97 -7.78 -3.83
CA THR E 185 -11.95 -6.85 -3.37
C THR E 185 -10.74 -6.84 -4.29
N ALA E 186 -10.40 -7.99 -4.88
CA ALA E 186 -9.27 -8.02 -5.80
C ALA E 186 -9.57 -7.27 -7.08
N HIS E 187 -10.84 -7.24 -7.50
CA HIS E 187 -11.18 -6.62 -8.78
C HIS E 187 -11.23 -5.09 -8.67
N ILE E 188 -11.72 -4.56 -7.58
CA ILE E 188 -11.75 -3.14 -7.41
C ILE E 188 -10.31 -2.56 -7.29
N TRP E 189 -9.45 -3.28 -6.59
CA TRP E 189 -8.05 -2.94 -6.43
C TRP E 189 -7.33 -3.00 -7.73
N SER E 190 -7.62 -4.02 -8.49
CA SER E 190 -7.01 -4.22 -9.75
C SER E 190 -7.42 -3.16 -10.79
N SER E 191 -8.63 -2.66 -10.65
CA SER E 191 -9.14 -1.65 -11.48
C SER E 191 -8.74 -0.26 -11.04
N GLY E 192 -8.11 -0.13 -9.88
CA GLY E 192 -7.61 1.15 -9.46
C GLY E 192 -8.03 1.78 -8.18
N VAL E 193 -8.75 1.03 -7.39
CA VAL E 193 -9.29 1.50 -6.11
C VAL E 193 -8.43 0.92 -5.00
N ASN E 194 -7.65 1.78 -4.35
CA ASN E 194 -6.82 1.37 -3.22
C ASN E 194 -7.71 1.14 -2.01
N ILE E 195 -7.69 -0.08 -1.47
CA ILE E 195 -8.44 -0.44 -0.28
C ILE E 195 -7.48 -1.05 0.73
N SER E 196 -6.23 -0.62 0.71
CA SER E 196 -5.21 -1.22 1.57
C SER E 196 -5.45 -0.90 3.04
N SER E 197 -5.49 0.39 3.37
CA SER E 197 -5.62 0.77 4.77
C SER E 197 -7.10 0.75 5.19
N TYR E 198 -7.30 0.80 6.51
CA TYR E 198 -8.65 0.78 7.07
C TYR E 198 -9.48 1.95 6.55
N ASN E 199 -8.87 3.14 6.46
CA ASN E 199 -9.61 4.30 5.97
C ASN E 199 -9.77 4.29 4.46
N ASP E 200 -8.79 3.75 3.73
CA ASP E 200 -8.93 3.61 2.28
C ASP E 200 -10.17 2.82 1.92
N ALA E 201 -10.38 1.68 2.60
CA ALA E 201 -11.60 0.91 2.40
C ALA E 201 -12.82 1.59 3.03
N GLY E 202 -12.60 2.32 4.13
CA GLY E 202 -13.71 3.00 4.77
C GLY E 202 -14.32 4.09 3.90
N GLN E 203 -13.47 4.82 3.18
CA GLN E 203 -13.97 5.83 2.24
C GLN E 203 -14.87 5.18 1.18
N TRP E 204 -14.42 4.06 0.63
CA TRP E 204 -15.15 3.42 -0.46
C TRP E 204 -16.47 2.83 0.02
N LEU E 205 -16.45 2.16 1.18
CA LEU E 205 -17.68 1.56 1.72
C LEU E 205 -18.68 2.64 2.12
N ARG E 206 -18.18 3.79 2.58
CA ARG E 206 -19.03 4.93 2.89
C ARG E 206 -19.79 5.41 1.67
N SER E 207 -19.09 5.57 0.55
CA SER E 207 -19.74 5.93 -0.70
C SER E 207 -20.73 4.86 -1.16
N LEU E 208 -20.44 3.59 -0.84
CA LEU E 208 -21.40 2.53 -1.12
C LEU E 208 -22.64 2.68 -0.23
N GLU E 209 -22.44 3.02 1.04
CA GLU E 209 -23.58 3.26 1.93
C GLU E 209 -24.38 4.49 1.51
N ASN E 210 -23.77 5.37 0.72
CA ASN E 210 -24.44 6.57 0.21
C ASN E 210 -25.42 6.28 -0.92
N ILE E 211 -25.45 5.04 -1.43
CA ILE E 211 -26.40 4.70 -2.49
C ILE E 211 -27.22 3.50 -2.03
N HIS E 212 -27.51 3.45 -0.73
CA HIS E 212 -28.37 2.42 -0.17
C HIS E 212 -29.71 2.38 -0.90
N SER E 213 -30.27 3.55 -1.21
CA SER E 213 -31.57 3.63 -1.86
C SER E 213 -31.59 2.95 -3.22
N VAL E 214 -30.43 2.61 -3.77
CA VAL E 214 -30.32 2.05 -5.10
C VAL E 214 -29.78 0.62 -5.09
N ILE E 215 -28.82 0.34 -4.21
CA ILE E 215 -28.32 -1.03 -4.01
C ILE E 215 -28.21 -1.27 -2.51
N PRO E 216 -29.20 -1.89 -1.89
CA PRO E 216 -29.16 -2.11 -0.45
C PRO E 216 -28.26 -3.30 -0.10
N PRO E 217 -27.71 -3.31 1.11
CA PRO E 217 -26.82 -4.43 1.49
C PRO E 217 -27.50 -5.79 1.51
N SER E 218 -28.84 -5.85 1.47
CA SER E 218 -29.50 -7.14 1.37
C SER E 218 -29.24 -7.82 0.04
N HIS E 219 -28.86 -7.06 -0.99
CA HIS E 219 -28.52 -7.60 -2.30
C HIS E 219 -27.03 -7.42 -2.62
N ILE E 220 -26.18 -7.48 -1.60
CA ILE E 220 -24.74 -7.30 -1.77
C ILE E 220 -24.04 -8.52 -1.20
N MET E 221 -23.13 -9.09 -1.98
CA MET E 221 -22.24 -10.16 -1.53
C MET E 221 -20.80 -9.74 -1.80
N PHE E 222 -19.86 -10.47 -1.20
CA PHE E 222 -18.46 -10.09 -1.25
C PHE E 222 -17.59 -11.28 -1.63
N HIS E 223 -16.60 -11.01 -2.48
CA HIS E 223 -15.47 -11.90 -2.72
C HIS E 223 -14.26 -11.30 -2.02
N LEU E 224 -13.81 -11.93 -0.93
CA LEU E 224 -12.68 -11.45 -0.16
C LEU E 224 -11.41 -12.08 -0.73
N ASN E 225 -10.74 -11.37 -1.60
CA ASN E 225 -9.52 -11.80 -2.18
C ASN E 225 -8.42 -10.73 -2.13
N ASP E 226 -7.22 -11.13 -1.79
CA ASP E 226 -6.07 -10.26 -1.97
C ASP E 226 -5.65 -10.30 -3.44
N ALA E 227 -4.67 -9.49 -3.81
CA ALA E 227 -4.27 -9.39 -5.21
C ALA E 227 -2.75 -9.39 -5.32
N ALA E 228 -2.21 -10.31 -6.12
CA ALA E 228 -0.79 -10.34 -6.43
C ALA E 228 -0.51 -9.51 -7.68
N THR E 229 -0.90 -8.23 -7.61
CA THR E 229 -0.72 -7.31 -8.71
C THR E 229 -0.89 -5.88 -8.18
N GLU E 230 -0.41 -4.93 -8.96
CA GLU E 230 -0.42 -3.53 -8.52
C GLU E 230 -1.83 -2.96 -8.60
N CYS E 231 -2.11 -1.99 -7.70
CA CYS E 231 -3.36 -1.26 -7.74
C CYS E 231 -3.50 -0.51 -9.06
N GLY E 232 -4.45 -0.94 -9.89
CA GLY E 232 -4.66 -0.33 -11.19
C GLY E 232 -4.01 -1.04 -12.35
N SER E 233 -3.38 -2.20 -12.12
CA SER E 233 -2.71 -2.91 -13.18
C SER E 233 -3.70 -3.47 -14.21
N GLY E 234 -4.97 -3.62 -13.85
CA GLY E 234 -5.92 -4.25 -14.74
C GLY E 234 -5.73 -5.74 -14.91
N ILE E 235 -4.88 -6.37 -14.12
CA ILE E 235 -4.63 -7.80 -14.17
C ILE E 235 -5.22 -8.44 -12.93
N ASP E 236 -5.85 -9.60 -13.10
CA ASP E 236 -6.57 -10.28 -12.03
C ASP E 236 -5.75 -11.48 -11.58
N ARG E 237 -5.19 -11.40 -10.38
CA ARG E 237 -4.39 -12.49 -9.80
C ARG E 237 -4.76 -12.59 -8.32
N HIS E 238 -5.66 -13.53 -8.00
CA HIS E 238 -6.10 -13.69 -6.62
C HIS E 238 -4.94 -14.13 -5.73
N ALA E 239 -5.00 -13.70 -4.47
CA ALA E 239 -4.01 -14.09 -3.48
C ALA E 239 -4.70 -14.26 -2.13
N SER E 240 -4.06 -15.04 -1.26
CA SER E 240 -4.58 -15.24 0.08
C SER E 240 -4.55 -13.93 0.87
N LEU E 241 -5.49 -13.80 1.81
CA LEU E 241 -5.60 -12.57 2.59
C LEU E 241 -4.31 -12.30 3.35
N PHE E 242 -3.84 -11.06 3.26
CA PHE E 242 -2.60 -10.56 3.86
C PHE E 242 -1.36 -11.18 3.24
N GLU E 243 -1.49 -11.90 2.12
CA GLU E 243 -0.35 -12.42 1.39
C GLU E 243 -0.18 -11.76 0.03
N GLY E 244 -0.98 -10.76 -0.30
CA GLY E 244 -0.87 -10.08 -1.57
C GLY E 244 -0.59 -8.59 -1.43
N MET E 245 -0.58 -7.88 -2.55
CA MET E 245 -0.18 -6.48 -2.54
C MET E 245 -1.15 -5.56 -1.80
N ILE E 246 -2.36 -6.02 -1.52
CA ILE E 246 -3.35 -5.15 -0.90
C ILE E 246 -3.10 -5.03 0.61
N TRP E 247 -2.84 -6.16 1.28
CA TRP E 247 -2.82 -6.19 2.73
C TRP E 247 -1.61 -6.89 3.33
N LYS E 248 -0.60 -7.23 2.53
CA LYS E 248 0.57 -7.90 3.10
C LYS E 248 1.28 -7.00 4.11
N SER E 249 1.39 -5.71 3.81
CA SER E 249 2.01 -4.76 4.72
C SER E 249 1.17 -4.50 5.97
N TYR E 250 0.08 -5.26 6.17
CA TYR E 250 -0.72 -5.17 7.39
C TYR E 250 -0.87 -6.53 8.08
N SER E 251 -0.07 -7.53 7.69
CA SER E 251 -0.18 -8.84 8.30
C SER E 251 0.17 -8.80 9.78
N HIS E 252 0.97 -7.82 10.20
CA HIS E 252 1.30 -7.68 11.62
C HIS E 252 0.14 -7.02 12.37
N LYS E 253 -0.30 -5.86 11.90
CA LYS E 253 -1.41 -5.12 12.49
C LYS E 253 -2.63 -5.29 11.58
N ILE E 254 -3.38 -6.36 11.80
CA ILE E 254 -4.42 -6.74 10.86
C ILE E 254 -5.66 -5.86 10.99
N LYS E 255 -5.96 -5.36 12.19
CA LYS E 255 -7.13 -4.51 12.37
C LYS E 255 -6.92 -3.09 11.87
N GLN E 256 -5.77 -2.81 11.26
CA GLN E 256 -5.54 -1.54 10.59
C GLN E 256 -5.69 -1.64 9.08
N SER E 257 -5.99 -2.84 8.56
CA SER E 257 -6.09 -3.07 7.13
C SER E 257 -7.50 -2.79 6.64
N GLY E 258 -7.61 -2.55 5.32
CA GLY E 258 -8.91 -2.33 4.73
C GLY E 258 -9.80 -3.55 4.77
N LEU E 259 -9.20 -4.75 4.75
CA LEU E 259 -9.98 -5.98 4.85
C LEU E 259 -10.81 -6.00 6.12
N TYR E 260 -10.21 -5.57 7.25
CA TYR E 260 -10.92 -5.56 8.50
C TYR E 260 -12.12 -4.62 8.46
N CYS E 261 -11.98 -3.50 7.75
CA CYS E 261 -13.12 -2.63 7.53
C CYS E 261 -14.20 -3.33 6.71
N PHE E 262 -13.78 -4.12 5.72
CA PHE E 262 -14.74 -4.91 4.96
C PHE E 262 -15.40 -5.96 5.84
N VAL E 263 -14.64 -6.58 6.75
CA VAL E 263 -15.21 -7.57 7.65
C VAL E 263 -16.25 -6.93 8.57
N GLU E 264 -15.98 -5.71 9.02
CA GLU E 264 -16.94 -5.00 9.86
C GLU E 264 -18.24 -4.73 9.10
N TYR E 265 -18.12 -4.24 7.87
CA TYR E 265 -19.31 -4.04 7.04
C TYR E 265 -20.06 -5.35 6.82
N ILE E 266 -19.33 -6.41 6.50
CA ILE E 266 -19.97 -7.71 6.24
C ILE E 266 -20.66 -8.21 7.50
N THR E 267 -20.08 -7.95 8.67
CA THR E 267 -20.71 -8.38 9.91
C THR E 267 -21.96 -7.57 10.23
N ARG E 268 -21.89 -6.25 10.04
CA ARG E 268 -23.04 -5.39 10.36
C ARG E 268 -24.26 -5.77 9.54
N HIS E 269 -24.07 -6.10 8.26
CA HIS E 269 -25.17 -6.33 7.35
C HIS E 269 -25.41 -7.81 7.04
N GLN E 270 -24.65 -8.70 7.67
CA GLN E 270 -24.83 -10.15 7.49
C GLN E 270 -24.74 -10.55 6.03
N CYS E 271 -23.76 -9.99 5.33
CA CYS E 271 -23.55 -10.27 3.92
C CYS E 271 -22.80 -11.60 3.74
N PRO E 272 -23.03 -12.28 2.62
CA PRO E 272 -22.18 -13.43 2.28
C PRO E 272 -20.79 -12.95 1.86
N ALA E 273 -19.79 -13.76 2.18
CA ALA E 273 -18.41 -13.45 1.85
C ALA E 273 -17.70 -14.72 1.44
N ILE E 274 -17.19 -14.74 0.21
CA ILE E 274 -16.60 -15.94 -0.39
C ILE E 274 -15.14 -15.67 -0.68
N LEU E 275 -14.27 -16.58 -0.22
CA LEU E 275 -12.85 -16.54 -0.58
C LEU E 275 -12.66 -17.39 -1.83
N GLU E 276 -12.22 -16.76 -2.92
CA GLU E 276 -12.04 -17.46 -4.19
C GLU E 276 -10.56 -17.78 -4.36
N ARG E 277 -10.16 -18.85 -3.75
CA ARG E 277 -8.79 -19.30 -3.76
C ARG E 277 -8.60 -20.54 -4.62
N ASN E 278 -7.71 -20.45 -5.57
CA ASN E 278 -7.38 -21.58 -6.40
C ASN E 278 -5.89 -21.91 -6.26
N LEU E 279 -5.58 -23.13 -5.84
CA LEU E 279 -4.20 -23.58 -5.69
C LEU E 279 -4.02 -24.90 -6.43
N GLY E 280 -2.78 -25.39 -6.43
CA GLY E 280 -2.44 -26.55 -7.24
C GLY E 280 -3.03 -27.85 -6.71
N SER E 281 -2.96 -28.04 -5.39
CA SER E 281 -3.39 -29.29 -4.77
C SER E 281 -4.31 -29.01 -3.60
N SER E 282 -4.92 -30.07 -3.09
CA SER E 282 -5.73 -29.96 -1.88
C SER E 282 -4.88 -29.53 -0.69
N MET E 283 -3.69 -30.11 -0.55
CA MET E 283 -2.84 -29.80 0.59
C MET E 283 -2.45 -28.33 0.60
N GLN E 284 -2.17 -27.76 -0.57
CA GLN E 284 -1.84 -26.34 -0.64
C GLN E 284 -3.05 -25.47 -0.29
N LEU E 285 -4.22 -25.83 -0.82
CA LEU E 285 -5.42 -25.02 -0.60
C LEU E 285 -5.84 -25.06 0.87
N GLN E 286 -5.86 -26.25 1.46
CA GLN E 286 -6.32 -26.39 2.85
C GLN E 286 -5.30 -25.80 3.84
N THR E 287 -4.02 -25.76 3.47
CA THR E 287 -3.07 -24.99 4.26
C THR E 287 -3.31 -23.50 4.11
N ALA E 288 -3.61 -23.06 2.88
CA ALA E 288 -3.88 -21.64 2.65
C ALA E 288 -5.18 -21.21 3.31
N LEU E 289 -6.25 -21.99 3.13
CA LEU E 289 -7.53 -21.63 3.73
C LEU E 289 -7.50 -21.71 5.25
N THR E 290 -6.77 -22.67 5.81
CA THR E 290 -6.65 -22.73 7.27
C THR E 290 -6.04 -21.43 7.81
N ALA E 291 -5.02 -20.90 7.14
CA ALA E 291 -4.40 -19.66 7.61
C ALA E 291 -5.37 -18.49 7.51
N GLU E 292 -6.04 -18.36 6.37
CA GLU E 292 -6.96 -17.27 6.17
C GLU E 292 -8.14 -17.26 7.08
N PHE E 293 -8.74 -18.42 7.29
CA PHE E 293 -9.95 -18.49 8.11
C PHE E 293 -9.66 -18.31 9.60
N THR E 294 -8.50 -18.72 10.07
CA THR E 294 -8.12 -18.47 11.46
C THR E 294 -7.86 -16.99 11.73
N THR E 295 -7.28 -16.31 10.77
CA THR E 295 -7.01 -14.89 10.86
C THR E 295 -8.33 -14.11 10.95
N LEU E 296 -9.29 -14.54 10.14
CA LEU E 296 -10.61 -13.99 10.14
C LEU E 296 -11.30 -14.24 11.43
N LYS E 297 -11.08 -15.39 12.04
CA LYS E 297 -11.65 -15.71 13.32
C LYS E 297 -11.11 -14.74 14.35
N SER E 298 -9.88 -14.36 14.21
CA SER E 298 -9.25 -13.44 15.05
C SER E 298 -9.96 -12.09 14.92
N LEU E 299 -10.24 -11.69 13.70
CA LEU E 299 -10.98 -10.48 13.39
C LEU E 299 -12.41 -10.55 13.88
N LEU E 300 -13.04 -11.69 13.81
CA LEU E 300 -14.39 -11.87 14.28
C LEU E 300 -14.58 -11.87 15.78
N LYS E 301 -13.55 -12.27 16.51
CA LYS E 301 -13.60 -12.41 17.97
C LYS E 301 -13.68 -11.04 18.64
#